data_4EO9
#
_entry.id   4EO9
#
_cell.length_a   80.310
_cell.length_b   80.310
_cell.length_c   119.330
_cell.angle_alpha   90.000
_cell.angle_beta   90.000
_cell.angle_gamma   90.000
#
_symmetry.space_group_name_H-M   'P 42 2 2'
#
loop_
_entity.id
_entity.type
_entity.pdbx_description
1 polymer '2,3-bisphosphoglycerate-dependent phosphoglycerate mutase'
2 non-polymer 'CHLORIDE ION'
3 water water
#
_entity_poly.entity_id   1
_entity_poly.type   'polypeptide(L)'
_entity_poly.pdbx_seq_one_letter_code
;MAHHHHHHMGTLEAQTQGPGSMQQGNTATLILLRHGESDWNARNLFTGWVDVGLTDKGRAEAVRSGELLAEHNLLPDVLY
TSLLRRAITTAHLALDTADWLWIPVRRSWRLNERHYGALQGLDKAVTKARYGEERFMAWRRSYDTPPPPIEKGSEFSQDA
DPRYTDIGGGPLTECLADVVTRFLPYFTDVIVPDLRTGRTVLIVAHGNSLRALVKHLDEMSDDEVVGLNVPTGIPLRYDL
DADLRPVVPGGTYLDPEAAAAVISQARP
;
_entity_poly.pdbx_strand_id   A
#
# COMPACT_ATOMS: atom_id res chain seq x y z
N ASN A 26 -16.30 -19.07 -1.42
CA ASN A 26 -15.76 -18.27 -0.26
C ASN A 26 -16.90 -17.57 0.52
N THR A 27 -16.78 -17.54 1.84
CA THR A 27 -17.56 -16.60 2.62
C THR A 27 -17.19 -15.15 2.17
N ALA A 28 -15.92 -14.85 1.88
CA ALA A 28 -15.51 -13.43 1.56
C ALA A 28 -14.35 -13.25 0.56
N THR A 29 -14.41 -12.21 -0.25
CA THR A 29 -13.39 -11.90 -1.24
C THR A 29 -12.72 -10.55 -0.95
N LEU A 30 -11.38 -10.55 -0.99
CA LEU A 30 -10.60 -9.40 -0.60
C LEU A 30 -9.63 -9.15 -1.71
N ILE A 31 -9.62 -7.92 -2.24
CA ILE A 31 -8.88 -7.59 -3.44
C ILE A 31 -7.88 -6.51 -3.07
N LEU A 32 -6.63 -6.72 -3.48
CA LEU A 32 -5.52 -5.92 -3.11
C LEU A 32 -4.88 -5.33 -4.37
N LEU A 33 -4.75 -4.00 -4.40
CA LEU A 33 -4.19 -3.31 -5.53
C LEU A 33 -3.18 -2.32 -5.02
N ARG A 34 -1.93 -2.49 -5.42
CA ARG A 34 -0.93 -1.43 -5.25
C ARG A 34 -0.90 -0.46 -6.44
N HIS A 35 -0.85 0.83 -6.14
CA HIS A 35 -0.85 1.87 -7.18
C HIS A 35 0.36 1.78 -8.05
N GLY A 36 0.27 2.39 -9.23
CA GLY A 36 1.41 2.40 -10.18
C GLY A 36 2.36 3.58 -9.99
N GLU A 37 3.19 3.79 -10.99
CA GLU A 37 4.30 4.74 -10.92
C GLU A 37 3.92 6.19 -10.59
N SER A 38 4.60 6.75 -9.60
CA SER A 38 4.52 8.17 -9.26
C SER A 38 5.65 8.96 -9.90
N ASP A 39 5.52 10.27 -9.84
CA ASP A 39 6.56 11.16 -10.33
C ASP A 39 7.88 10.89 -9.61
N TRP A 40 7.81 10.50 -8.34
CA TRP A 40 9.06 10.28 -7.59
C TRP A 40 9.63 8.91 -7.75
N ASN A 41 8.79 7.93 -8.08
CA ASN A 41 9.31 6.64 -8.57
C ASN A 41 10.12 6.88 -9.85
N ALA A 42 9.58 7.70 -10.74
CA ALA A 42 10.24 7.94 -12.00
C ALA A 42 11.62 8.59 -11.78
N ARG A 43 11.75 9.46 -10.77
CA ARG A 43 13.04 10.11 -10.46
C ARG A 43 13.87 9.38 -9.41
N ASN A 44 13.45 8.20 -8.98
CA ASN A 44 14.15 7.44 -7.94
C ASN A 44 14.33 8.18 -6.60
N LEU A 45 13.29 8.90 -6.19
CA LEU A 45 13.32 9.59 -4.92
C LEU A 45 12.47 8.81 -3.90
N PHE A 46 12.95 8.74 -2.67
CA PHE A 46 12.22 8.11 -1.60
C PHE A 46 11.03 8.96 -1.17
N THR A 47 9.84 8.38 -1.29
CA THR A 47 8.59 9.15 -1.11
C THR A 47 8.02 9.10 0.28
N GLY A 48 7.74 7.91 0.78
CA GLY A 48 7.01 7.80 2.04
C GLY A 48 5.65 8.49 1.98
N TRP A 49 5.41 9.37 2.93
CA TRP A 49 4.15 10.07 3.06
C TRP A 49 4.08 11.36 2.27
N VAL A 50 5.15 11.70 1.54
CA VAL A 50 5.11 12.88 0.62
C VAL A 50 4.05 12.59 -0.41
N ASP A 51 3.09 13.49 -0.55
CA ASP A 51 1.87 13.20 -1.30
C ASP A 51 1.99 13.45 -2.84
N VAL A 52 2.81 12.65 -3.52
CA VAL A 52 3.11 12.87 -4.94
C VAL A 52 2.08 12.27 -5.85
N GLY A 53 2.07 12.76 -7.11
CA GLY A 53 1.08 12.34 -8.11
C GLY A 53 1.55 11.14 -8.90
N LEU A 54 0.63 10.54 -9.65
CA LEU A 54 0.93 9.48 -10.63
C LEU A 54 1.53 10.09 -11.94
N THR A 55 2.40 9.33 -12.58
CA THR A 55 2.81 9.65 -13.97
C THR A 55 1.67 9.16 -14.89
N ASP A 56 1.77 9.50 -16.18
CA ASP A 56 0.84 8.98 -17.18
C ASP A 56 0.84 7.48 -17.17
N LYS A 57 2.01 6.89 -16.95
CA LYS A 57 2.09 5.46 -16.99
C LYS A 57 1.43 4.85 -15.71
N GLY A 58 1.55 5.56 -14.59
CA GLY A 58 0.80 5.18 -13.38
C GLY A 58 -0.72 5.20 -13.62
N ARG A 59 -1.20 6.25 -14.29
CA ARG A 59 -2.60 6.33 -14.68
C ARG A 59 -3.06 5.17 -15.58
N ALA A 60 -2.21 4.77 -16.52
CA ALA A 60 -2.57 3.74 -17.48
C ALA A 60 -2.65 2.43 -16.71
N GLU A 61 -1.84 2.26 -15.68
CA GLU A 61 -1.93 1.04 -14.85
C GLU A 61 -3.23 1.03 -14.08
N ALA A 62 -3.65 2.20 -13.63
CA ALA A 62 -4.93 2.31 -12.89
C ALA A 62 -6.08 1.94 -13.84
N VAL A 63 -6.09 2.48 -15.06
CA VAL A 63 -7.13 2.12 -16.03
C VAL A 63 -7.10 0.59 -16.27
N ARG A 64 -5.92 0.02 -16.47
CA ARG A 64 -5.77 -1.39 -16.74
C ARG A 64 -6.32 -2.26 -15.61
N SER A 65 -6.03 -1.86 -14.38
CA SER A 65 -6.53 -2.63 -13.25
C SER A 65 -8.05 -2.56 -13.16
N GLY A 66 -8.61 -1.41 -13.51
CA GLY A 66 -10.06 -1.36 -13.68
C GLY A 66 -10.60 -2.33 -14.75
N GLU A 67 -9.94 -2.43 -15.89
CA GLU A 67 -10.36 -3.41 -16.91
C GLU A 67 -10.30 -4.83 -16.34
N LEU A 68 -9.27 -5.12 -15.57
CA LEU A 68 -9.12 -6.45 -15.01
C LEU A 68 -10.25 -6.75 -14.01
N LEU A 69 -10.60 -5.78 -13.16
CA LEU A 69 -11.75 -5.99 -12.29
C LEU A 69 -13.06 -6.24 -13.10
N ALA A 70 -13.28 -5.50 -14.18
CA ALA A 70 -14.47 -5.71 -15.01
C ALA A 70 -14.46 -7.10 -15.69
N GLU A 71 -13.37 -7.44 -16.36
CA GLU A 71 -13.26 -8.73 -17.04
C GLU A 71 -13.55 -9.92 -16.12
N HIS A 72 -13.22 -9.80 -14.83
CA HIS A 72 -13.44 -10.89 -13.88
C HIS A 72 -14.70 -10.71 -13.09
N ASN A 73 -15.48 -9.71 -13.46
CA ASN A 73 -16.76 -9.42 -12.80
C ASN A 73 -16.68 -9.38 -11.28
N LEU A 74 -15.63 -8.71 -10.82
CA LEU A 74 -15.24 -8.70 -9.43
C LEU A 74 -15.44 -7.29 -8.97
N LEU A 75 -16.68 -6.92 -8.69
CA LEU A 75 -16.96 -5.54 -8.38
C LEU A 75 -17.20 -5.39 -6.87
N PRO A 76 -16.40 -4.54 -6.22
CA PRO A 76 -16.38 -4.50 -4.78
C PRO A 76 -17.59 -3.79 -4.22
N ASP A 77 -18.03 -4.21 -3.05
CA ASP A 77 -19.10 -3.53 -2.37
C ASP A 77 -18.61 -2.30 -1.64
N VAL A 78 -17.31 -2.23 -1.29
CA VAL A 78 -16.74 -1.09 -0.57
C VAL A 78 -15.27 -0.91 -0.94
N LEU A 79 -14.80 0.33 -0.99
CA LEU A 79 -13.41 0.64 -1.31
C LEU A 79 -12.71 1.21 -0.11
N TYR A 80 -11.49 0.75 0.16
CA TYR A 80 -10.62 1.34 1.18
C TYR A 80 -9.35 1.92 0.54
N THR A 81 -8.93 3.12 0.95
CA THR A 81 -7.68 3.69 0.46
C THR A 81 -6.87 4.34 1.55
N SER A 82 -5.62 4.64 1.26
CA SER A 82 -4.84 5.53 2.08
C SER A 82 -5.31 6.98 1.93
N LEU A 83 -4.58 7.91 2.52
CA LEU A 83 -4.86 9.33 2.37
C LEU A 83 -3.95 9.93 1.30
N LEU A 84 -3.20 9.11 0.59
CA LEU A 84 -2.23 9.63 -0.39
C LEU A 84 -2.82 9.63 -1.82
N ARG A 85 -2.66 10.76 -2.53
CA ARG A 85 -3.31 10.94 -3.84
C ARG A 85 -2.95 9.87 -4.83
N ARG A 86 -1.73 9.34 -4.76
CA ARG A 86 -1.41 8.25 -5.68
C ARG A 86 -2.31 6.97 -5.53
N ALA A 87 -2.79 6.69 -4.32
CA ALA A 87 -3.72 5.58 -4.14
C ALA A 87 -5.13 6.04 -4.55
N ILE A 88 -5.53 7.21 -4.09
CA ILE A 88 -6.91 7.66 -4.21
C ILE A 88 -7.25 7.75 -5.71
N THR A 89 -6.44 8.50 -6.45
CA THR A 89 -6.54 8.61 -7.90
C THR A 89 -6.53 7.28 -8.63
N THR A 90 -5.63 6.36 -8.26
CA THR A 90 -5.65 5.03 -8.80
C THR A 90 -6.99 4.38 -8.61
N ALA A 91 -7.55 4.46 -7.40
CA ALA A 91 -8.82 3.81 -7.09
C ALA A 91 -9.90 4.42 -7.94
N HIS A 92 -9.92 5.73 -7.97
CA HIS A 92 -10.93 6.42 -8.79
C HIS A 92 -10.86 6.03 -10.27
N LEU A 93 -9.65 6.01 -10.83
CA LEU A 93 -9.49 5.66 -12.26
C LEU A 93 -9.94 4.24 -12.50
N ALA A 94 -9.53 3.32 -11.65
CA ALA A 94 -9.96 1.91 -11.80
C ALA A 94 -11.47 1.74 -11.77
N LEU A 95 -12.14 2.39 -10.81
CA LEU A 95 -13.61 2.26 -10.66
C LEU A 95 -14.33 2.97 -11.79
N ASP A 96 -13.74 4.05 -12.26
CA ASP A 96 -14.32 4.77 -13.37
C ASP A 96 -14.28 3.90 -14.64
N THR A 97 -13.12 3.34 -14.95
CA THR A 97 -13.03 2.39 -16.05
C THR A 97 -14.00 1.22 -15.86
N ALA A 98 -14.18 0.68 -14.65
CA ALA A 98 -15.14 -0.43 -14.46
C ALA A 98 -16.58 0.05 -14.34
N ASP A 99 -16.83 1.34 -14.54
CA ASP A 99 -18.19 1.88 -14.34
C ASP A 99 -18.83 1.52 -12.98
N TRP A 100 -18.10 1.80 -11.90
CA TRP A 100 -18.48 1.36 -10.56
C TRP A 100 -18.07 2.39 -9.53
N LEU A 101 -18.34 3.65 -9.84
CA LEU A 101 -17.91 4.79 -9.04
C LEU A 101 -18.76 5.07 -7.76
N TRP A 102 -19.97 4.51 -7.74
CA TRP A 102 -20.92 4.79 -6.70
C TRP A 102 -20.69 4.13 -5.36
N ILE A 103 -19.76 3.18 -5.26
CA ILE A 103 -19.61 2.42 -4.01
C ILE A 103 -19.05 3.26 -2.86
N PRO A 104 -19.30 2.85 -1.62
CA PRO A 104 -18.76 3.59 -0.48
C PRO A 104 -17.27 3.47 -0.43
N VAL A 105 -16.64 4.53 0.07
CA VAL A 105 -15.22 4.66 0.19
C VAL A 105 -14.90 5.08 1.61
N ARG A 106 -13.86 4.48 2.15
CA ARG A 106 -13.34 4.91 3.42
CA ARG A 106 -13.33 4.82 3.46
C ARG A 106 -11.82 4.98 3.32
N ARG A 107 -11.25 5.97 4.00
CA ARG A 107 -9.83 6.18 3.90
C ARG A 107 -9.24 6.31 5.27
N SER A 108 -7.97 5.91 5.41
CA SER A 108 -7.26 6.07 6.65
C SER A 108 -5.76 6.18 6.46
N TRP A 109 -5.15 6.90 7.39
CA TRP A 109 -3.70 7.06 7.35
C TRP A 109 -3.05 5.74 7.58
N ARG A 110 -3.80 4.77 8.10
CA ARG A 110 -3.26 3.48 8.50
C ARG A 110 -2.96 2.63 7.30
N LEU A 111 -3.50 3.04 6.16
CA LEU A 111 -3.18 2.41 4.89
CA LEU A 111 -3.20 2.43 4.86
C LEU A 111 -2.03 3.13 4.14
N ASN A 112 -1.52 4.25 4.69
CA ASN A 112 -0.39 4.95 4.08
C ASN A 112 0.83 4.04 3.94
N GLU A 113 1.64 4.34 2.94
CA GLU A 113 3.00 3.79 2.78
C GLU A 113 3.78 4.01 4.05
N ARG A 114 4.87 3.27 4.22
CA ARG A 114 5.77 3.56 5.34
C ARG A 114 6.26 4.98 5.24
N HIS A 115 6.34 5.67 6.36
CA HIS A 115 7.01 6.97 6.44
C HIS A 115 8.48 6.73 6.35
N TYR A 116 9.18 7.44 5.48
CA TYR A 116 10.56 7.11 5.19
C TYR A 116 11.53 7.96 6.03
N GLY A 117 10.99 8.73 6.96
CA GLY A 117 11.82 9.53 7.86
C GLY A 117 12.60 10.60 7.10
N ALA A 118 13.81 10.88 7.57
CA ALA A 118 14.66 11.91 6.96
C ALA A 118 15.08 11.49 5.53
N LEU A 119 14.83 10.24 5.13
CA LEU A 119 15.01 9.87 3.73
C LEU A 119 13.93 10.44 2.75
N GLN A 120 12.85 11.03 3.26
CA GLN A 120 11.82 11.58 2.37
C GLN A 120 12.36 12.74 1.49
N GLY A 121 12.39 12.52 0.18
CA GLY A 121 12.91 13.49 -0.78
C GLY A 121 14.38 13.29 -1.15
N LEU A 122 15.00 12.26 -0.61
CA LEU A 122 16.40 11.97 -0.93
C LEU A 122 16.41 10.89 -2.01
N ASP A 123 17.60 10.58 -2.49
CA ASP A 123 17.81 9.48 -3.38
C ASP A 123 18.94 8.62 -2.81
N LYS A 124 19.25 7.53 -3.50
CA LYS A 124 20.31 6.60 -3.08
C LYS A 124 21.61 7.35 -2.78
N ALA A 125 22.10 8.13 -3.74
CA ALA A 125 23.44 8.78 -3.63
C ALA A 125 23.55 9.78 -2.43
N VAL A 126 22.56 10.65 -2.28
CA VAL A 126 22.55 11.62 -1.18
C VAL A 126 22.39 10.95 0.21
N THR A 127 21.59 9.89 0.30
CA THR A 127 21.44 9.15 1.56
C THR A 127 22.77 8.49 1.90
N LYS A 128 23.37 7.77 0.95
CA LYS A 128 24.65 7.12 1.19
C LYS A 128 25.69 8.14 1.69
N ALA A 129 25.79 9.32 1.07
CA ALA A 129 26.76 10.31 1.50
C ALA A 129 26.46 10.85 2.89
N ARG A 130 25.19 11.04 3.24
CA ARG A 130 24.88 11.60 4.57
C ARG A 130 25.06 10.61 5.74
N TYR A 131 24.74 9.33 5.52
CA TYR A 131 24.64 8.37 6.64
C TYR A 131 25.55 7.19 6.53
N GLY A 132 26.16 7.03 5.36
CA GLY A 132 27.07 5.95 5.12
C GLY A 132 26.36 4.81 4.47
N GLU A 133 27.13 3.94 3.85
CA GLU A 133 26.59 2.78 3.17
C GLU A 133 26.03 1.74 4.13
N GLU A 134 26.63 1.60 5.32
CA GLU A 134 26.21 0.55 6.26
C GLU A 134 24.77 0.77 6.77
N ARG A 135 24.48 1.99 7.20
CA ARG A 135 23.15 2.37 7.64
C ARG A 135 22.14 2.35 6.48
N PHE A 136 22.57 2.81 5.31
CA PHE A 136 21.63 2.83 4.20
C PHE A 136 21.18 1.39 3.95
N MET A 137 22.12 0.45 3.99
CA MET A 137 21.80 -0.98 3.76
C MET A 137 20.95 -1.57 4.88
N ALA A 138 21.25 -1.21 6.12
CA ALA A 138 20.46 -1.61 7.28
C ALA A 138 19.00 -1.18 7.14
N TRP A 139 18.75 0.08 6.82
CA TRP A 139 17.37 0.59 6.72
C TRP A 139 16.59 0.02 5.58
N ARG A 140 17.25 -0.29 4.48
CA ARG A 140 16.56 -0.79 3.30
C ARG A 140 15.94 -2.19 3.50
N ARG A 141 16.64 -3.06 4.23
CA ARG A 141 16.25 -4.47 4.41
C ARG A 141 15.76 -4.83 5.85
N SER A 142 15.90 -3.96 6.84
CA SER A 142 15.53 -4.28 8.22
C SER A 142 14.02 -4.25 8.36
N TYR A 143 13.50 -5.15 9.20
CA TYR A 143 12.10 -5.17 9.58
C TYR A 143 11.91 -4.18 10.74
N ASP A 144 12.93 -4.07 11.61
CA ASP A 144 12.82 -3.41 12.91
C ASP A 144 13.48 -2.04 13.00
N THR A 145 14.39 -1.72 12.08
CA THR A 145 15.19 -0.49 12.22
C THR A 145 14.70 0.58 11.30
N PRO A 146 14.09 1.63 11.88
CA PRO A 146 13.62 2.75 11.07
C PRO A 146 14.78 3.66 10.71
N PRO A 147 14.61 4.43 9.64
CA PRO A 147 15.60 5.43 9.34
C PRO A 147 15.46 6.55 10.31
N PRO A 148 16.31 7.57 10.20
CA PRO A 148 16.31 8.59 11.21
C PRO A 148 15.09 9.46 11.04
N PRO A 149 14.64 10.11 12.12
CA PRO A 149 13.45 10.92 12.00
C PRO A 149 13.69 12.13 11.08
N ILE A 150 12.64 12.57 10.42
CA ILE A 150 12.73 13.72 9.57
C ILE A 150 12.68 14.91 10.51
N GLU A 151 13.29 16.02 10.10
CA GLU A 151 13.16 17.25 10.84
C GLU A 151 11.71 17.81 10.77
N LYS A 152 11.14 18.01 11.95
CA LYS A 152 9.90 18.76 12.16
C LYS A 152 9.87 20.14 11.42
N GLY A 153 8.79 20.43 10.71
CA GLY A 153 8.67 21.66 9.96
C GLY A 153 9.52 21.75 8.69
N SER A 154 10.25 20.69 8.34
CA SER A 154 11.06 20.69 7.13
C SER A 154 10.18 20.45 5.90
N GLU A 155 10.73 20.66 4.71
CA GLU A 155 9.89 20.74 3.50
C GLU A 155 9.11 19.45 3.21
N PHE A 156 9.65 18.28 3.58
CA PHE A 156 8.99 17.04 3.26
C PHE A 156 8.46 16.30 4.49
N SER A 157 8.26 17.04 5.59
CA SER A 157 7.63 16.52 6.79
C SER A 157 6.13 16.80 6.72
N GLN A 158 5.33 15.83 7.17
CA GLN A 158 3.88 15.96 7.21
C GLN A 158 3.36 16.45 8.58
N ASP A 159 4.26 16.80 9.49
CA ASP A 159 3.82 17.06 10.86
C ASP A 159 2.79 18.17 11.02
N ALA A 160 2.88 19.23 10.19
CA ALA A 160 1.91 20.34 10.24
C ALA A 160 0.71 20.08 9.34
N ASP A 161 0.68 18.94 8.67
CA ASP A 161 -0.39 18.69 7.70
C ASP A 161 -1.70 18.35 8.42
N PRO A 162 -2.79 19.09 8.10
CA PRO A 162 -4.10 18.94 8.74
C PRO A 162 -4.76 17.58 8.67
N ARG A 163 -4.38 16.77 7.71
CA ARG A 163 -4.96 15.47 7.68
C ARG A 163 -4.47 14.54 8.81
N TYR A 164 -3.41 14.94 9.52
CA TYR A 164 -2.81 14.12 10.54
C TYR A 164 -2.92 14.74 11.92
N THR A 165 -3.79 15.75 12.06
CA THR A 165 -3.95 16.45 13.33
C THR A 165 -4.33 15.52 14.46
N ASP A 166 -5.27 14.61 14.21
CA ASP A 166 -5.80 13.76 15.23
C ASP A 166 -4.72 12.77 15.74
N ILE A 167 -3.68 12.48 14.96
CA ILE A 167 -2.54 11.66 15.44
C ILE A 167 -1.31 12.54 15.75
N GLY A 168 -1.49 13.81 16.06
CA GLY A 168 -0.35 14.63 16.50
C GLY A 168 0.68 14.89 15.40
N GLY A 169 0.24 14.86 14.15
CA GLY A 169 1.14 15.04 13.02
C GLY A 169 1.71 13.74 12.50
N GLY A 170 1.51 12.64 13.23
CA GLY A 170 1.99 11.32 12.81
C GLY A 170 3.42 11.06 13.17
N PRO A 171 3.93 9.87 12.80
CA PRO A 171 5.30 9.49 13.14
C PRO A 171 6.32 10.26 12.31
N LEU A 172 7.53 10.44 12.84
CA LEU A 172 8.59 11.15 12.13
C LEU A 172 9.50 10.20 11.32
N THR A 173 9.22 8.91 11.40
CA THR A 173 9.91 7.84 10.66
C THR A 173 9.21 6.50 10.99
N GLU A 174 9.26 5.53 10.07
CA GLU A 174 8.75 4.18 10.31
C GLU A 174 9.66 3.10 9.68
N CYS A 175 9.70 1.94 10.34
CA CYS A 175 10.12 0.66 9.73
C CYS A 175 8.86 -0.14 9.42
N LEU A 176 9.03 -1.30 8.84
CA LEU A 176 7.90 -2.13 8.47
C LEU A 176 7.13 -2.60 9.74
N ALA A 177 7.86 -2.91 10.81
CA ALA A 177 7.28 -3.28 12.08
C ALA A 177 6.30 -2.22 12.53
N ASP A 178 6.70 -0.96 12.43
CA ASP A 178 5.80 0.11 12.80
C ASP A 178 4.53 0.09 11.94
N VAL A 179 4.69 -0.20 10.64
CA VAL A 179 3.55 -0.16 9.73
C VAL A 179 2.56 -1.23 10.15
N VAL A 180 3.08 -2.38 10.51
CA VAL A 180 2.24 -3.47 10.97
C VAL A 180 1.48 -3.09 12.27
N THR A 181 2.16 -2.46 13.20
CA THR A 181 1.54 -2.09 14.46
C THR A 181 0.38 -1.15 14.19
N ARG A 182 0.55 -0.22 13.24
CA ARG A 182 -0.50 0.81 13.10
C ARG A 182 -1.54 0.48 12.08
N PHE A 183 -1.25 -0.50 11.23
CA PHE A 183 -2.26 -1.03 10.32
C PHE A 183 -3.20 -2.07 10.98
N LEU A 184 -2.63 -2.94 11.81
CA LEU A 184 -3.43 -4.04 12.41
C LEU A 184 -4.78 -3.55 12.98
N PRO A 185 -4.79 -2.46 13.76
CA PRO A 185 -6.05 -2.01 14.33
C PRO A 185 -7.09 -1.65 13.31
N TYR A 186 -6.68 -1.05 12.19
CA TYR A 186 -7.64 -0.79 11.10
C TYR A 186 -8.20 -2.11 10.50
N PHE A 187 -7.33 -3.09 10.37
CA PHE A 187 -7.75 -4.36 9.81
C PHE A 187 -8.80 -5.06 10.72
N THR A 188 -8.45 -5.23 11.99
CA THR A 188 -9.34 -5.92 12.90
C THR A 188 -10.64 -5.12 13.19
N ASP A 189 -10.60 -3.78 13.20
CA ASP A 189 -11.76 -3.02 13.65
C ASP A 189 -12.67 -2.51 12.56
N VAL A 190 -12.17 -2.41 11.33
CA VAL A 190 -12.95 -1.81 10.25
C VAL A 190 -13.10 -2.80 9.11
N ILE A 191 -12.01 -3.39 8.66
CA ILE A 191 -12.04 -4.21 7.48
C ILE A 191 -12.58 -5.61 7.76
N VAL A 192 -12.09 -6.25 8.83
CA VAL A 192 -12.59 -7.58 9.23
C VAL A 192 -14.13 -7.61 9.33
N PRO A 193 -14.76 -6.65 10.03
CA PRO A 193 -16.24 -6.68 10.02
C PRO A 193 -16.91 -6.65 8.65
N ASP A 194 -16.34 -5.91 7.70
CA ASP A 194 -16.83 -5.89 6.33
C ASP A 194 -16.66 -7.24 5.67
N LEU A 195 -15.51 -7.89 5.86
CA LEU A 195 -15.27 -9.24 5.31
C LEU A 195 -16.19 -10.32 5.89
N ARG A 196 -16.58 -10.18 7.15
CA ARG A 196 -17.46 -11.15 7.82
C ARG A 196 -18.89 -11.14 7.26
N THR A 197 -19.31 -9.97 6.81
CA THR A 197 -20.63 -9.78 6.25
C THR A 197 -20.73 -10.35 4.81
N GLY A 198 -19.69 -11.08 4.35
CA GLY A 198 -19.62 -11.58 2.98
C GLY A 198 -19.34 -10.58 1.84
N ARG A 199 -19.10 -9.32 2.16
CA ARG A 199 -18.87 -8.28 1.14
C ARG A 199 -17.51 -8.41 0.46
N THR A 200 -17.46 -8.00 -0.79
CA THR A 200 -16.22 -7.95 -1.55
C THR A 200 -15.58 -6.59 -1.26
N VAL A 201 -14.37 -6.61 -0.73
CA VAL A 201 -13.64 -5.43 -0.32
C VAL A 201 -12.44 -5.20 -1.26
N LEU A 202 -12.33 -3.98 -1.77
CA LEU A 202 -11.16 -3.53 -2.55
C LEU A 202 -10.32 -2.57 -1.73
N ILE A 203 -9.03 -2.86 -1.56
CA ILE A 203 -8.10 -1.97 -0.91
C ILE A 203 -7.07 -1.54 -1.93
N VAL A 204 -6.89 -0.23 -2.10
CA VAL A 204 -5.95 0.35 -3.00
C VAL A 204 -4.98 1.16 -2.16
N ALA A 205 -3.72 0.70 -2.08
CA ALA A 205 -2.78 1.26 -1.12
C ALA A 205 -1.35 1.11 -1.69
N HIS A 206 -0.38 0.82 -0.82
CA HIS A 206 1.02 0.95 -1.17
C HIS A 206 1.77 -0.32 -0.80
N GLY A 207 2.99 -0.47 -1.31
CA GLY A 207 3.77 -1.69 -1.06
C GLY A 207 3.81 -2.17 0.38
N ASN A 208 4.25 -1.30 1.28
CA ASN A 208 4.48 -1.70 2.66
C ASN A 208 3.22 -1.88 3.49
N SER A 209 2.19 -1.06 3.25
CA SER A 209 0.93 -1.28 3.91
C SER A 209 0.28 -2.57 3.39
N LEU A 210 0.40 -2.85 2.09
CA LEU A 210 -0.14 -4.10 1.54
C LEU A 210 0.68 -5.29 2.07
N ARG A 211 1.98 -5.12 2.19
CA ARG A 211 2.81 -6.11 2.89
C ARG A 211 2.34 -6.41 4.32
N ALA A 212 1.95 -5.36 5.08
CA ALA A 212 1.46 -5.56 6.45
C ALA A 212 0.25 -6.47 6.41
N LEU A 213 -0.63 -6.24 5.44
CA LEU A 213 -1.89 -7.00 5.38
C LEU A 213 -1.59 -8.44 5.00
N VAL A 214 -0.84 -8.61 3.92
CA VAL A 214 -0.45 -9.94 3.44
C VAL A 214 0.30 -10.76 4.55
N LYS A 215 1.19 -10.12 5.29
CA LYS A 215 1.80 -10.76 6.45
C LYS A 215 0.74 -11.39 7.35
N HIS A 216 -0.29 -10.62 7.66
CA HIS A 216 -1.33 -11.10 8.53
C HIS A 216 -2.16 -12.21 7.89
N LEU A 217 -2.54 -12.10 6.62
CA LEU A 217 -3.42 -13.10 5.98
C LEU A 217 -2.72 -14.45 5.77
N ASP A 218 -1.44 -14.43 5.43
CA ASP A 218 -0.68 -15.68 5.25
C ASP A 218 0.23 -16.02 6.44
N GLU A 219 0.03 -15.36 7.58
CA GLU A 219 0.82 -15.60 8.79
C GLU A 219 2.27 -15.77 8.45
N MET A 220 2.80 -14.75 7.80
CA MET A 220 4.18 -14.76 7.37
C MET A 220 5.01 -14.32 8.55
N SER A 221 6.28 -14.69 8.49
CA SER A 221 7.24 -14.33 9.53
C SER A 221 7.87 -12.99 9.15
N ASP A 222 8.55 -12.38 10.12
CA ASP A 222 9.18 -11.08 9.92
C ASP A 222 10.13 -11.12 8.74
N ASP A 223 10.91 -12.19 8.64
CA ASP A 223 11.89 -12.32 7.54
C ASP A 223 11.25 -12.55 6.18
N GLU A 224 10.27 -13.42 6.11
CA GLU A 224 9.58 -13.68 4.86
C GLU A 224 8.96 -12.42 4.25
N VAL A 225 8.57 -11.44 5.09
CA VAL A 225 7.74 -10.34 4.62
C VAL A 225 8.54 -9.19 4.01
N VAL A 226 9.72 -8.88 4.53
CA VAL A 226 10.58 -7.87 3.89
C VAL A 226 10.92 -8.30 2.46
N GLY A 227 11.15 -9.59 2.28
CA GLY A 227 11.43 -10.14 0.97
C GLY A 227 10.23 -10.32 0.06
N LEU A 228 9.04 -9.94 0.51
CA LEU A 228 7.82 -10.09 -0.29
C LEU A 228 7.72 -9.05 -1.40
N ASN A 229 7.50 -9.55 -2.61
CA ASN A 229 7.33 -8.71 -3.77
C ASN A 229 5.85 -8.45 -4.00
N VAL A 230 5.48 -7.18 -4.20
CA VAL A 230 4.09 -6.83 -4.54
C VAL A 230 4.08 -6.03 -5.85
N PRO A 231 3.71 -6.68 -6.97
CA PRO A 231 3.68 -5.98 -8.24
C PRO A 231 2.68 -4.84 -8.22
N THR A 232 2.98 -3.77 -8.95
CA THR A 232 2.06 -2.65 -9.12
C THR A 232 1.00 -2.97 -10.17
N GLY A 233 -0.20 -2.39 -10.01
CA GLY A 233 -1.20 -2.39 -11.06
C GLY A 233 -1.90 -3.72 -11.34
N ILE A 234 -1.69 -4.74 -10.52
CA ILE A 234 -2.36 -6.02 -10.74
C ILE A 234 -3.12 -6.39 -9.48
N PRO A 235 -4.45 -6.31 -9.58
CA PRO A 235 -5.18 -6.67 -8.39
C PRO A 235 -4.89 -8.11 -7.97
N LEU A 236 -4.89 -8.36 -6.66
CA LEU A 236 -4.59 -9.66 -6.08
C LEU A 236 -5.81 -10.12 -5.29
N ARG A 237 -6.42 -11.23 -5.71
CA ARG A 237 -7.65 -11.71 -5.10
C ARG A 237 -7.37 -12.77 -4.03
N TYR A 238 -7.82 -12.48 -2.81
CA TYR A 238 -7.81 -13.43 -1.74
C TYR A 238 -9.25 -13.92 -1.61
N ASP A 239 -9.43 -15.24 -1.54
CA ASP A 239 -10.73 -15.80 -1.23
C ASP A 239 -10.64 -16.32 0.19
N LEU A 240 -11.47 -15.81 1.10
CA LEU A 240 -11.27 -16.12 2.50
C LEU A 240 -12.35 -17.08 2.94
N ASP A 241 -12.00 -18.00 3.83
CA ASP A 241 -12.98 -18.99 4.34
C ASP A 241 -13.74 -18.43 5.56
N ALA A 242 -14.46 -19.29 6.26
CA ALA A 242 -15.25 -18.89 7.44
C ALA A 242 -14.39 -18.29 8.57
N ASP A 243 -13.14 -18.71 8.68
CA ASP A 243 -12.25 -18.16 9.69
C ASP A 243 -11.48 -16.96 9.12
N LEU A 244 -11.86 -16.51 7.92
CA LEU A 244 -11.07 -15.52 7.18
C LEU A 244 -9.62 -15.91 6.90
N ARG A 245 -9.28 -17.20 6.96
CA ARG A 245 -7.98 -17.68 6.42
C ARG A 245 -8.17 -17.83 4.88
N PRO A 246 -7.12 -17.57 4.09
CA PRO A 246 -7.19 -17.71 2.64
C PRO A 246 -7.38 -19.12 2.16
N VAL A 247 -8.25 -19.31 1.15
CA VAL A 247 -8.39 -20.58 0.48
C VAL A 247 -7.10 -20.88 -0.30
N VAL A 248 -6.56 -19.89 -1.01
CA VAL A 248 -5.26 -20.01 -1.71
C VAL A 248 -4.18 -19.10 -1.11
N PRO A 249 -3.22 -19.68 -0.36
CA PRO A 249 -2.11 -18.90 0.24
C PRO A 249 -1.43 -17.99 -0.76
N GLY A 250 -1.20 -16.73 -0.39
CA GLY A 250 -0.56 -15.74 -1.29
C GLY A 250 -1.48 -15.14 -2.34
N GLY A 251 -2.74 -15.57 -2.38
CA GLY A 251 -3.74 -15.04 -3.31
C GLY A 251 -3.55 -15.41 -4.77
N THR A 252 -4.43 -14.92 -5.62
CA THR A 252 -4.42 -15.23 -7.04
C THR A 252 -4.47 -13.87 -7.76
N TYR A 253 -3.41 -13.50 -8.47
CA TYR A 253 -3.42 -12.28 -9.29
C TYR A 253 -4.41 -12.41 -10.42
N LEU A 254 -5.14 -11.34 -10.75
CA LEU A 254 -6.15 -11.38 -11.80
C LEU A 254 -5.52 -11.52 -13.20
N ASP A 255 -4.25 -11.15 -13.32
CA ASP A 255 -3.41 -11.46 -14.50
C ASP A 255 -2.15 -12.16 -14.02
N PRO A 256 -2.22 -13.50 -13.84
CA PRO A 256 -1.12 -14.23 -13.21
C PRO A 256 0.17 -14.14 -14.02
N GLU A 257 0.05 -14.16 -15.35
CA GLU A 257 1.21 -14.12 -16.26
C GLU A 257 1.91 -12.74 -16.23
N ALA A 258 1.17 -11.63 -16.32
CA ALA A 258 1.76 -10.29 -16.16
C ALA A 258 2.46 -10.13 -14.78
N ALA A 259 1.90 -10.77 -13.74
CA ALA A 259 2.46 -10.75 -12.37
C ALA A 259 3.76 -11.55 -12.20
N ALA A 260 3.83 -12.72 -12.84
CA ALA A 260 5.09 -13.50 -12.91
C ALA A 260 6.20 -12.71 -13.62
N ALA A 261 5.79 -11.86 -14.57
CA ALA A 261 6.65 -10.89 -15.26
C ALA A 261 7.31 -9.89 -14.32
N VAL A 262 6.55 -9.25 -13.42
CA VAL A 262 7.13 -8.30 -12.47
C VAL A 262 8.09 -9.03 -11.52
N ILE A 263 7.60 -10.10 -10.87
CA ILE A 263 8.39 -10.94 -9.92
C ILE A 263 9.71 -11.47 -10.52
N SER A 264 9.66 -11.95 -11.77
CA SER A 264 10.85 -12.47 -12.48
C SER A 264 11.93 -11.39 -12.81
N GLN A 265 11.53 -10.12 -12.96
CA GLN A 265 12.46 -9.01 -13.28
C GLN A 265 12.86 -8.28 -12.00
#